data_6YF2
#
_entry.id   6YF2
#
_cell.length_a   57.482
_cell.length_b   57.482
_cell.length_c   54.469
_cell.angle_alpha   90.000
_cell.angle_beta   90.000
_cell.angle_gamma   90.000
#
_symmetry.space_group_name_H-M   'P 42 21 2'
#
loop_
_entity.id
_entity.type
_entity.pdbx_description
1 polymer 'Peptidyl-prolyl cis-trans isomerase FKBP1A'
2 non-polymer (1~{R},9~{S},12~{S},13~{R},14~{S},17~{R},18~{E},21~{S},23~{S},24~{R},25~{S},27~{R})-23,25-dimethoxy-12-[(~{E})-1-[(1~{R},3~{R},4~{R})-3-methoxy-4-oxidanyl-cyclohexyl]prop-1-en-2-yl]-13,19,21,27-tetramethyl-1,14-bis(oxidanyl)-17-(2-oxidanylidenepropyl)-11,28-dioxa-4-azatricyclo[22.3.1.0^{4,9}]octacos-18-ene-2,3,10,16-tetrone
3 non-polymer 'CADMIUM ION'
4 non-polymer 'CHLORIDE ION'
5 non-polymer 'SODIUM ION'
6 water water
#
_entity_poly.entity_id   1
_entity_poly.type   'polypeptide(L)'
_entity_poly.pdbx_seq_one_letter_code
;GPGVQVETISPGDGRTFPKRGQTCVVHYTGMLEDGKKFDSSRDRNKPFKFMLGKQEVIRGWEEGVAQMSVGQRAKLTISP
DYAYGATGHPGIIPPHATLVFDVELLKLE
;
_entity_poly.pdbx_strand_id   A
#
# COMPACT_ATOMS: atom_id res chain seq x y z
N PRO A 2 9.28 -10.18 7.21
CA PRO A 2 8.68 -9.02 7.87
C PRO A 2 7.26 -8.77 7.39
N GLY A 3 6.48 -8.08 8.22
CA GLY A 3 5.11 -7.71 7.87
C GLY A 3 5.02 -6.93 6.59
N VAL A 4 5.91 -5.96 6.41
CA VAL A 4 5.95 -5.18 5.18
C VAL A 4 7.39 -4.83 4.84
N GLN A 5 7.70 -4.88 3.55
CA GLN A 5 8.94 -4.38 2.98
C GLN A 5 8.57 -3.26 2.03
N VAL A 6 9.27 -2.14 2.14
CA VAL A 6 9.02 -0.98 1.29
C VAL A 6 10.20 -0.79 0.33
N GLU A 7 9.93 -0.86 -0.97
CA GLU A 7 10.95 -0.64 -1.99
CA GLU A 7 10.95 -0.61 -1.97
C GLU A 7 10.55 0.57 -2.81
N THR A 8 11.43 1.56 -2.90
CA THR A 8 11.07 2.82 -3.52
C THR A 8 11.23 2.80 -5.04
N ILE A 9 10.16 3.19 -5.73
CA ILE A 9 10.15 3.36 -7.19
C ILE A 9 10.55 4.79 -7.56
N SER A 10 9.97 5.77 -6.88
CA SER A 10 10.31 7.19 -7.08
CA SER A 10 10.41 7.15 -7.04
CA SER A 10 10.38 7.15 -7.05
C SER A 10 10.30 7.85 -5.71
N PRO A 11 11.30 8.69 -5.39
CA PRO A 11 11.36 9.24 -4.03
C PRO A 11 10.28 10.25 -3.71
N GLY A 12 9.97 10.35 -2.42
CA GLY A 12 9.09 11.40 -1.91
C GLY A 12 9.87 12.65 -1.54
N ASP A 13 9.23 13.51 -0.75
CA ASP A 13 9.85 14.77 -0.36
C ASP A 13 10.92 14.61 0.71
N GLY A 14 11.00 13.43 1.32
CA GLY A 14 11.99 13.16 2.35
C GLY A 14 11.74 13.89 3.66
N ARG A 15 10.53 14.41 3.83
CA ARG A 15 10.23 15.29 4.97
C ARG A 15 8.87 15.05 5.62
N THR A 16 7.86 14.81 4.80
CA THR A 16 6.47 14.77 5.26
C THR A 16 5.96 13.33 5.27
N PHE A 17 5.88 12.75 6.46
CA PHE A 17 5.45 11.36 6.64
C PHE A 17 4.09 11.36 7.35
N PRO A 18 3.22 10.38 7.02
CA PRO A 18 1.88 10.35 7.59
C PRO A 18 1.83 10.23 9.10
N LYS A 19 0.93 11.01 9.69
CA LYS A 19 0.67 11.00 11.12
C LYS A 19 -0.80 10.69 11.38
N ARG A 20 -1.10 10.21 12.59
CA ARG A 20 -2.49 10.08 12.99
C ARG A 20 -3.21 11.42 12.90
N GLY A 21 -4.48 11.36 12.49
CA GLY A 21 -5.29 12.55 12.32
C GLY A 21 -5.26 13.11 10.91
N GLN A 22 -4.35 12.60 10.08
CA GLN A 22 -4.24 13.03 8.70
C GLN A 22 -4.94 12.05 7.79
N THR A 23 -5.46 12.55 6.68
CA THR A 23 -6.02 11.69 5.64
C THR A 23 -4.97 11.49 4.55
N CYS A 24 -4.59 10.23 4.36
CA CYS A 24 -3.67 9.86 3.30
C CYS A 24 -4.45 9.65 2.02
N VAL A 25 -4.00 10.28 0.94
CA VAL A 25 -4.63 10.16 -0.36
C VAL A 25 -3.63 9.47 -1.27
N VAL A 26 -4.02 8.33 -1.85
CA VAL A 26 -3.11 7.53 -2.62
C VAL A 26 -3.72 7.04 -3.92
N HIS A 27 -2.85 6.62 -4.83
CA HIS A 27 -3.23 5.66 -5.85
C HIS A 27 -2.55 4.34 -5.56
N TYR A 28 -3.22 3.24 -5.88
CA TYR A 28 -2.63 1.93 -5.68
C TYR A 28 -3.01 0.97 -6.78
N THR A 29 -2.15 -0.04 -6.96
CA THR A 29 -2.46 -1.26 -7.69
C THR A 29 -2.06 -2.42 -6.80
N GLY A 30 -2.97 -3.37 -6.61
CA GLY A 30 -2.73 -4.55 -5.81
C GLY A 30 -2.53 -5.76 -6.67
N MET A 31 -1.49 -6.54 -6.35
CA MET A 31 -1.16 -7.72 -7.12
CA MET A 31 -1.05 -7.69 -7.13
C MET A 31 -0.62 -8.82 -6.21
N LEU A 32 -0.57 -10.05 -6.74
CA LEU A 32 0.17 -11.12 -6.06
C LEU A 32 1.65 -10.97 -6.39
N GLU A 33 2.49 -11.84 -5.81
CA GLU A 33 3.94 -11.76 -5.98
CA GLU A 33 3.94 -11.73 -5.95
C GLU A 33 4.39 -11.91 -7.41
N ASP A 34 3.55 -12.55 -8.23
CA ASP A 34 3.84 -12.72 -9.65
C ASP A 34 3.31 -11.56 -10.51
N GLY A 35 2.81 -10.51 -9.87
CA GLY A 35 2.34 -9.34 -10.58
C GLY A 35 0.90 -9.41 -11.06
N LYS A 36 0.22 -10.51 -10.84
CA LYS A 36 -1.15 -10.63 -11.31
C LYS A 36 -2.04 -9.67 -10.53
N LYS A 37 -2.64 -8.73 -11.24
CA LYS A 37 -3.43 -7.64 -10.65
CA LYS A 37 -3.40 -7.66 -10.60
C LYS A 37 -4.78 -8.12 -10.18
N PHE A 38 -5.16 -7.74 -8.96
CA PHE A 38 -6.50 -8.00 -8.46
C PHE A 38 -7.33 -6.73 -8.24
N ASP A 39 -6.71 -5.55 -8.18
CA ASP A 39 -7.46 -4.30 -7.95
C ASP A 39 -6.55 -3.12 -8.25
N SER A 40 -7.17 -1.98 -8.57
CA SER A 40 -6.42 -0.75 -8.78
C SER A 40 -7.34 0.46 -8.68
N SER A 41 -6.92 1.46 -7.91
CA SER A 41 -7.62 2.73 -7.90
C SER A 41 -7.31 3.52 -9.17
N ARG A 42 -6.15 3.25 -9.76
CA ARG A 42 -5.72 3.94 -10.97
C ARG A 42 -6.72 3.65 -12.09
N ASP A 43 -7.22 2.42 -12.15
CA ASP A 43 -8.19 2.01 -13.16
C ASP A 43 -9.54 2.71 -12.98
N ARG A 44 -9.83 3.16 -11.75
CA ARG A 44 -11.06 3.91 -11.46
C ARG A 44 -10.85 5.43 -11.61
N ASN A 45 -9.62 5.85 -11.91
CA ASN A 45 -9.28 7.28 -12.00
C ASN A 45 -9.75 8.09 -10.79
N LYS A 46 -9.67 7.46 -9.62
CA LYS A 46 -10.15 8.04 -8.37
C LYS A 46 -9.22 7.57 -7.26
N PRO A 47 -8.54 8.52 -6.59
CA PRO A 47 -7.69 8.10 -5.48
C PRO A 47 -8.46 7.48 -4.33
N PHE A 48 -7.73 6.72 -3.52
CA PHE A 48 -8.22 6.09 -2.32
C PHE A 48 -7.73 6.86 -1.09
N LYS A 49 -8.60 7.01 -0.09
CA LYS A 49 -8.27 7.76 1.12
C LYS A 49 -8.40 6.89 2.36
N PHE A 50 -7.46 7.05 3.29
CA PHE A 50 -7.52 6.34 4.56
C PHE A 50 -6.76 7.13 5.62
N MET A 51 -6.96 6.73 6.87
CA MET A 51 -6.28 7.32 8.01
C MET A 51 -5.63 6.23 8.84
N LEU A 52 -4.52 6.58 9.47
CA LEU A 52 -3.84 5.67 10.39
C LEU A 52 -4.58 5.54 11.73
N GLY A 53 -4.38 4.43 12.40
CA GLY A 53 -4.82 4.26 13.78
C GLY A 53 -6.26 3.85 13.97
N LYS A 54 -6.91 3.42 12.90
CA LYS A 54 -8.35 3.10 12.92
C LYS A 54 -8.65 1.68 12.48
N GLN A 55 -7.60 0.87 12.32
CA GLN A 55 -7.71 -0.49 11.82
C GLN A 55 -8.53 -0.57 10.54
N GLU A 56 -8.45 0.47 9.71
CA GLU A 56 -9.28 0.51 8.51
C GLU A 56 -8.54 0.10 7.25
N VAL A 57 -7.26 -0.17 7.37
CA VAL A 57 -6.50 -0.79 6.30
C VAL A 57 -5.73 -1.96 6.87
N ILE A 58 -5.40 -2.92 6.01
CA ILE A 58 -4.55 -4.02 6.42
C ILE A 58 -3.25 -3.49 7.04
N ARG A 59 -2.76 -4.20 8.04
CA ARG A 59 -1.64 -3.71 8.84
C ARG A 59 -0.41 -3.43 8.00
N GLY A 60 -0.20 -4.21 6.93
CA GLY A 60 0.93 -3.94 6.04
C GLY A 60 0.91 -2.54 5.43
N TRP A 61 -0.28 -2.02 5.12
CA TRP A 61 -0.44 -0.59 4.71
C TRP A 61 -0.19 0.36 5.85
N GLU A 62 -0.75 0.04 7.01
CA GLU A 62 -0.62 0.84 8.22
C GLU A 62 0.85 1.12 8.52
N GLU A 63 1.68 0.08 8.35
CA GLU A 63 3.11 0.19 8.65
CA GLU A 63 3.12 0.16 8.64
C GLU A 63 3.97 0.61 7.46
N GLY A 64 3.52 0.27 6.26
CA GLY A 64 4.27 0.59 5.05
C GLY A 64 4.11 2.03 4.60
N VAL A 65 2.87 2.49 4.53
CA VAL A 65 2.64 3.86 4.08
C VAL A 65 3.18 4.86 5.12
N ALA A 66 3.23 4.47 6.39
CA ALA A 66 3.82 5.34 7.43
C ALA A 66 5.31 5.61 7.19
N GLN A 67 5.95 4.75 6.42
CA GLN A 67 7.36 4.88 6.07
C GLN A 67 7.61 5.63 4.78
N MET A 68 6.54 6.12 4.14
CA MET A 68 6.63 6.86 2.88
C MET A 68 6.47 8.34 3.14
N SER A 69 7.18 9.16 2.36
CA SER A 69 6.97 10.59 2.39
C SER A 69 6.11 11.04 1.20
N VAL A 70 5.49 12.20 1.33
CA VAL A 70 4.57 12.68 0.31
CA VAL A 70 4.56 12.64 0.29
C VAL A 70 5.25 12.75 -1.05
N GLY A 71 4.58 12.22 -2.07
CA GLY A 71 5.10 12.17 -3.41
C GLY A 71 5.76 10.85 -3.76
N GLN A 72 6.09 10.05 -2.76
CA GLN A 72 6.80 8.80 -3.00
C GLN A 72 5.92 7.78 -3.70
N ARG A 73 6.53 7.01 -4.59
CA ARG A 73 5.92 5.83 -5.15
CA ARG A 73 5.92 5.82 -5.16
C ARG A 73 6.75 4.64 -4.68
N ALA A 74 6.09 3.62 -4.13
CA ALA A 74 6.80 2.48 -3.59
C ALA A 74 6.02 1.21 -3.80
N LYS A 75 6.75 0.10 -3.84
CA LYS A 75 6.25 -1.25 -3.80
CA LYS A 75 6.13 -1.20 -3.76
C LYS A 75 6.20 -1.70 -2.34
N LEU A 76 5.02 -2.02 -1.82
CA LEU A 76 4.86 -2.59 -0.48
CA LEU A 76 4.86 -2.60 -0.49
C LEU A 76 4.62 -4.08 -0.64
N THR A 77 5.54 -4.89 -0.13
CA THR A 77 5.37 -6.35 -0.13
C THR A 77 4.94 -6.75 1.27
N ILE A 78 3.75 -7.32 1.36
CA ILE A 78 3.06 -7.52 2.63
C ILE A 78 2.84 -9.00 2.88
N SER A 79 3.25 -9.47 4.06
CA SER A 79 3.07 -10.88 4.40
C SER A 79 1.59 -11.18 4.63
N PRO A 80 1.22 -12.47 4.50
CA PRO A 80 -0.20 -12.79 4.71
C PRO A 80 -0.72 -12.33 6.07
N ASP A 81 0.05 -12.47 7.13
CA ASP A 81 -0.49 -12.09 8.42
C ASP A 81 -0.73 -10.59 8.54
N TYR A 82 -0.06 -9.81 7.70
CA TYR A 82 -0.27 -8.36 7.62
C TYR A 82 -1.28 -7.97 6.53
N ALA A 83 -1.96 -8.98 5.98
CA ALA A 83 -2.97 -8.83 4.94
C ALA A 83 -4.13 -9.77 5.30
N TYR A 84 -4.46 -10.74 4.44
CA TYR A 84 -5.65 -11.56 4.64
C TYR A 84 -5.37 -12.97 5.15
N GLY A 85 -4.14 -13.21 5.55
CA GLY A 85 -3.79 -14.39 6.33
C GLY A 85 -4.10 -15.69 5.63
N ALA A 86 -4.43 -16.69 6.44
CA ALA A 86 -4.76 -18.01 5.94
C ALA A 86 -6.13 -18.05 5.24
N THR A 87 -6.93 -17.00 5.39
CA THR A 87 -8.25 -16.96 4.79
C THR A 87 -8.22 -16.52 3.34
N GLY A 88 -7.46 -15.47 3.06
CA GLY A 88 -7.56 -14.78 1.79
C GLY A 88 -8.76 -13.87 1.75
N HIS A 89 -9.13 -13.45 0.55
CA HIS A 89 -10.28 -12.61 0.39
C HIS A 89 -11.18 -13.28 -0.63
N PRO A 90 -12.43 -13.61 -0.23
CA PRO A 90 -13.27 -14.37 -1.12
C PRO A 90 -13.38 -13.61 -2.41
N GLY A 91 -13.35 -14.40 -3.47
CA GLY A 91 -13.48 -13.91 -4.83
C GLY A 91 -12.29 -13.18 -5.41
N ILE A 92 -11.22 -12.98 -4.62
CA ILE A 92 -10.16 -12.06 -5.03
C ILE A 92 -8.71 -12.54 -4.78
N ILE A 93 -8.44 -13.06 -3.57
CA ILE A 93 -7.07 -13.33 -3.10
C ILE A 93 -7.04 -14.69 -2.43
N PRO A 94 -6.10 -15.55 -2.82
CA PRO A 94 -6.05 -16.88 -2.22
C PRO A 94 -5.58 -16.89 -0.77
N PRO A 95 -5.81 -18.01 -0.09
CA PRO A 95 -5.21 -18.19 1.23
C PRO A 95 -3.69 -18.04 1.18
N HIS A 96 -3.12 -17.52 2.27
CA HIS A 96 -1.67 -17.47 2.48
C HIS A 96 -0.94 -16.67 1.41
N ALA A 97 -1.53 -15.56 0.99
CA ALA A 97 -1.00 -14.75 -0.10
C ALA A 97 -0.20 -13.54 0.38
N THR A 98 1.06 -13.49 -0.03
CA THR A 98 1.84 -12.26 0.05
C THR A 98 1.29 -11.31 -1.01
N LEU A 99 1.06 -10.05 -0.62
CA LEU A 99 0.51 -9.06 -1.53
C LEU A 99 1.57 -8.05 -1.87
N VAL A 100 1.50 -7.53 -3.09
CA VAL A 100 2.36 -6.44 -3.52
C VAL A 100 1.47 -5.29 -3.94
N PHE A 101 1.66 -4.12 -3.32
CA PHE A 101 0.95 -2.92 -3.73
C PHE A 101 1.92 -1.89 -4.25
N ASP A 102 1.66 -1.39 -5.45
CA ASP A 102 2.35 -0.24 -6.01
C ASP A 102 1.54 0.99 -5.57
N VAL A 103 2.10 1.76 -4.64
CA VAL A 103 1.38 2.85 -3.98
C VAL A 103 2.08 4.17 -4.25
N GLU A 104 1.30 5.17 -4.63
CA GLU A 104 1.77 6.56 -4.73
CA GLU A 104 1.80 6.54 -4.69
C GLU A 104 1.08 7.36 -3.63
N LEU A 105 1.86 7.98 -2.74
CA LEU A 105 1.31 8.83 -1.69
C LEU A 105 1.19 10.22 -2.27
N LEU A 106 -0.04 10.60 -2.62
CA LEU A 106 -0.28 11.82 -3.36
C LEU A 106 -0.28 13.07 -2.49
N LYS A 107 -0.94 12.98 -1.34
CA LYS A 107 -1.05 14.12 -0.43
C LYS A 107 -1.55 13.65 0.91
N LEU A 108 -1.36 14.54 1.90
CA LEU A 108 -1.99 14.40 3.20
C LEU A 108 -2.98 15.55 3.38
N GLU A 109 -4.20 15.20 3.79
CA GLU A 109 -5.27 16.18 4.01
C GLU A 109 -5.68 16.21 5.47
#